data_5CWH
#
_entry.id   5CWH
#
_cell.length_a   40.960
_cell.length_b   104.390
_cell.length_c   90.230
_cell.angle_alpha   90.000
_cell.angle_beta   90.000
_cell.angle_gamma   90.000
#
_symmetry.space_group_name_H-M   'C 2 2 21'
#
loop_
_entity.id
_entity.type
_entity.pdbx_description
1 polymer 'Designed helical repeat protein'
2 non-polymer 1,2-ETHANEDIOL
3 water water
#
_entity_poly.entity_id   1
_entity_poly.type   'polypeptide(L)'
_entity_poly.pdbx_seq_one_letter_code
;MDSEEVNERVKQLAEKAKEATDKEEVIEIVKELAELAKQSTDSELVNEIVKQLAEVAKEATDKELVIYIVKILAELAKQS
TDSELVNEIVKQLAEVAKEATDKELVIYIVKILAELAKQSTDSELVNEIVKQLEEVAKEATDKELVEHIEKILEELKKQS
TDGWLEHHHHHH
;
_entity_poly.pdbx_strand_id   A
#
loop_
_chem_comp.id
_chem_comp.type
_chem_comp.name
_chem_comp.formula
EDO non-polymer 1,2-ETHANEDIOL 'C2 H6 O2'
#
# COMPACT_ATOMS: atom_id res chain seq x y z
N ASP A 2 -11.18 20.78 -14.76
CA ASP A 2 -9.89 21.27 -15.23
C ASP A 2 -8.77 20.54 -14.49
N SER A 3 -7.55 20.66 -14.99
CA SER A 3 -6.39 20.03 -14.36
C SER A 3 -5.97 20.77 -13.09
N GLU A 4 -5.70 22.06 -13.24
CA GLU A 4 -5.25 22.91 -12.15
C GLU A 4 -6.21 22.85 -10.96
N GLU A 5 -7.50 22.85 -11.26
CA GLU A 5 -8.52 22.83 -10.22
C GLU A 5 -8.50 21.52 -9.43
N VAL A 6 -8.40 20.38 -10.12
CA VAL A 6 -8.34 19.11 -9.42
C VAL A 6 -7.04 19.02 -8.63
N ASN A 7 -5.94 19.49 -9.21
CA ASN A 7 -4.69 19.55 -8.46
C ASN A 7 -4.85 20.36 -7.17
N GLU A 8 -5.49 21.52 -7.26
N GLU A 8 -5.49 21.52 -7.28
CA GLU A 8 -5.72 22.33 -6.07
CA GLU A 8 -5.79 22.36 -6.13
C GLU A 8 -6.65 21.64 -5.07
C GLU A 8 -6.62 21.61 -5.10
N ARG A 9 -7.68 20.95 -5.57
CA ARG A 9 -8.57 20.19 -4.69
C ARG A 9 -7.79 19.11 -3.92
N VAL A 10 -6.92 18.41 -4.63
CA VAL A 10 -6.07 17.42 -3.97
C VAL A 10 -5.14 18.06 -2.93
N LYS A 11 -4.51 19.17 -3.31
CA LYS A 11 -3.64 19.89 -2.38
C LYS A 11 -4.37 20.24 -1.08
N GLN A 12 -5.55 20.83 -1.23
CA GLN A 12 -6.31 21.23 -0.04
C GLN A 12 -6.80 20.02 0.76
N LEU A 13 -7.31 18.99 0.08
CA LEU A 13 -7.69 17.77 0.80
C LEU A 13 -6.52 17.19 1.57
N ALA A 14 -5.35 17.12 0.94
CA ALA A 14 -4.19 16.52 1.58
C ALA A 14 -3.77 17.29 2.82
N GLU A 15 -3.68 18.62 2.70
CA GLU A 15 -3.41 19.45 3.86
C GLU A 15 -4.44 19.18 4.98
N LYS A 16 -5.72 19.26 4.61
CA LYS A 16 -6.79 19.04 5.57
C LYS A 16 -6.67 17.68 6.27
N ALA A 17 -6.38 16.64 5.50
CA ALA A 17 -6.22 15.29 6.06
C ALA A 17 -5.07 15.24 7.05
N LYS A 18 -3.93 15.79 6.66
CA LYS A 18 -2.78 15.77 7.54
C LYS A 18 -2.99 16.60 8.81
N GLU A 19 -3.78 17.67 8.74
CA GLU A 19 -4.08 18.49 9.92
C GLU A 19 -5.19 18.00 10.87
N ALA A 20 -6.25 17.42 10.31
CA ALA A 20 -7.50 17.17 11.04
C ALA A 20 -7.34 16.24 12.25
N THR A 21 -8.11 16.52 13.30
CA THR A 21 -8.06 15.75 14.55
C THR A 21 -9.35 14.94 14.79
N ASP A 22 -10.26 14.99 13.83
CA ASP A 22 -11.46 14.16 13.82
C ASP A 22 -11.19 12.99 12.87
N LYS A 23 -11.21 11.77 13.38
N LYS A 23 -11.20 11.77 13.39
CA LYS A 23 -10.83 10.62 12.57
CA LYS A 23 -10.84 10.60 12.58
C LYS A 23 -11.83 10.36 11.44
C LYS A 23 -11.82 10.39 11.43
N GLU A 24 -13.11 10.61 11.70
CA GLU A 24 -14.15 10.41 10.68
C GLU A 24 -13.95 11.37 9.51
N GLU A 25 -13.54 12.59 9.84
CA GLU A 25 -13.24 13.59 8.83
C GLU A 25 -12.10 13.11 7.94
N VAL A 26 -11.04 12.58 8.56
CA VAL A 26 -9.91 12.09 7.78
C VAL A 26 -10.33 10.93 6.87
N ILE A 27 -11.11 10.00 7.39
CA ILE A 27 -11.63 8.90 6.57
C ILE A 27 -12.39 9.45 5.35
N GLU A 28 -13.27 10.43 5.57
CA GLU A 28 -13.98 11.04 4.44
C GLU A 28 -13.08 11.71 3.40
N ILE A 29 -12.04 12.42 3.87
CA ILE A 29 -11.08 13.02 2.95
C ILE A 29 -10.36 11.94 2.12
N VAL A 30 -9.93 10.89 2.80
CA VAL A 30 -9.25 9.78 2.14
C VAL A 30 -10.16 9.12 1.11
N LYS A 31 -11.42 8.94 1.45
CA LYS A 31 -12.38 8.37 0.52
C LYS A 31 -12.50 9.25 -0.74
N GLU A 32 -12.59 10.56 -0.55
CA GLU A 32 -12.65 11.46 -1.71
C GLU A 32 -11.39 11.38 -2.59
N LEU A 33 -10.22 11.41 -1.94
CA LEU A 33 -8.97 11.25 -2.68
C LEU A 33 -8.94 9.93 -3.46
N ALA A 34 -9.36 8.85 -2.81
CA ALA A 34 -9.38 7.54 -3.45
C ALA A 34 -10.26 7.56 -4.70
N GLU A 35 -11.47 8.12 -4.56
CA GLU A 35 -12.38 8.21 -5.71
C GLU A 35 -11.77 9.02 -6.85
N LEU A 36 -11.17 10.17 -6.51
CA LEU A 36 -10.52 10.98 -7.54
C LEU A 36 -9.41 10.19 -8.25
N ALA A 37 -8.60 9.48 -7.47
CA ALA A 37 -7.52 8.68 -8.08
C ALA A 37 -8.07 7.59 -8.98
N LYS A 38 -9.07 6.85 -8.50
CA LYS A 38 -9.61 5.75 -9.30
C LYS A 38 -10.30 6.21 -10.57
N GLN A 39 -10.90 7.40 -10.56
CA GLN A 39 -11.58 7.93 -11.73
C GLN A 39 -10.63 8.64 -12.73
N SER A 40 -9.40 8.92 -12.34
CA SER A 40 -8.49 9.70 -13.18
C SER A 40 -7.74 8.84 -14.18
N THR A 41 -7.55 9.38 -15.37
CA THR A 41 -6.62 8.79 -16.32
C THR A 41 -5.30 9.58 -16.43
N ASP A 42 -5.07 10.48 -15.47
CA ASP A 42 -3.88 11.35 -15.46
C ASP A 42 -2.85 10.79 -14.49
N SER A 43 -1.73 10.27 -15.02
CA SER A 43 -0.75 9.61 -14.17
C SER A 43 -0.16 10.55 -13.14
N GLU A 44 -0.03 11.82 -13.50
CA GLU A 44 0.56 12.79 -12.56
C GLU A 44 -0.33 12.98 -11.33
N LEU A 45 -1.63 13.07 -11.58
CA LEU A 45 -2.60 13.24 -10.52
C LEU A 45 -2.64 12.00 -9.62
N VAL A 46 -2.72 10.83 -10.24
CA VAL A 46 -2.76 9.59 -9.48
C VAL A 46 -1.50 9.45 -8.62
N ASN A 47 -0.34 9.76 -9.20
N ASN A 47 -0.34 9.72 -9.21
CA ASN A 47 0.91 9.68 -8.45
CA ASN A 47 0.88 9.65 -8.43
C ASN A 47 0.90 10.62 -7.24
C ASN A 47 0.81 10.59 -7.21
N GLU A 48 0.39 11.83 -7.45
CA GLU A 48 0.30 12.79 -6.34
C GLU A 48 -0.63 12.32 -5.23
N ILE A 49 -1.79 11.80 -5.63
CA ILE A 49 -2.74 11.28 -4.65
C ILE A 49 -2.12 10.13 -3.84
N VAL A 50 -1.47 9.21 -4.53
CA VAL A 50 -0.82 8.10 -3.86
C VAL A 50 0.24 8.60 -2.87
N LYS A 51 1.04 9.57 -3.29
CA LYS A 51 2.03 10.17 -2.40
C LYS A 51 1.39 10.70 -1.13
N GLN A 52 0.30 11.44 -1.30
CA GLN A 52 -0.37 12.03 -0.15
C GLN A 52 -0.99 10.98 0.75
N LEU A 53 -1.65 9.99 0.16
CA LEU A 53 -2.26 8.92 0.94
C LEU A 53 -1.21 8.17 1.74
N ALA A 54 -0.08 7.86 1.10
CA ALA A 54 0.97 7.12 1.78
C ALA A 54 1.52 7.95 2.94
N GLU A 55 1.68 9.25 2.73
CA GLU A 55 2.12 10.11 3.83
C GLU A 55 1.12 10.14 5.00
N VAL A 56 -0.19 10.25 4.69
CA VAL A 56 -1.19 10.17 5.75
C VAL A 56 -1.08 8.84 6.51
N ALA A 57 -0.96 7.74 5.77
CA ALA A 57 -0.87 6.44 6.41
C ALA A 57 0.35 6.33 7.32
N LYS A 58 1.51 6.75 6.82
N LYS A 58 1.49 6.78 6.82
CA LYS A 58 2.71 6.64 7.61
CA LYS A 58 2.74 6.65 7.56
C LYS A 58 2.64 7.48 8.88
C LYS A 58 2.81 7.57 8.78
N GLU A 59 2.03 8.65 8.79
CA GLU A 59 1.88 9.52 9.97
C GLU A 59 0.77 9.13 11.01
N ALA A 60 -0.15 8.28 10.61
CA ALA A 60 -1.37 8.02 11.38
C ALA A 60 -1.16 7.13 12.59
N THR A 61 -1.94 7.39 13.63
CA THR A 61 -1.96 6.57 14.83
C THR A 61 -3.32 5.88 15.03
N ASP A 62 -4.22 6.00 14.06
N ASP A 62 -4.12 5.90 13.98
CA ASP A 62 -5.50 5.27 14.05
CA ASP A 62 -5.44 5.30 13.94
C ASP A 62 -5.40 4.07 13.09
C ASP A 62 -5.37 4.05 13.05
N LYS A 63 -5.42 2.86 13.65
CA LYS A 63 -5.17 1.65 12.86
C LYS A 63 -6.21 1.45 11.74
N GLU A 64 -7.45 1.86 12.02
CA GLU A 64 -8.52 1.73 11.02
C GLU A 64 -8.22 2.56 9.78
N LEU A 65 -7.70 3.77 10.00
CA LEU A 65 -7.30 4.64 8.92
C LEU A 65 -6.16 4.03 8.08
N VAL A 66 -5.14 3.53 8.76
CA VAL A 66 -4.02 2.93 8.07
C VAL A 66 -4.47 1.78 7.20
N ILE A 67 -5.28 0.88 7.74
N ILE A 67 -5.25 0.85 7.75
CA ILE A 67 -5.65 -0.26 6.93
CA ILE A 67 -5.67 -0.28 6.90
C ILE A 67 -6.60 0.14 5.78
C ILE A 67 -6.55 0.20 5.74
N TYR A 68 -7.43 1.17 5.99
CA TYR A 68 -8.26 1.70 4.92
C TYR A 68 -7.39 2.23 3.75
N ILE A 69 -6.36 2.99 4.09
CA ILE A 69 -5.47 3.50 3.07
C ILE A 69 -4.72 2.37 2.36
N VAL A 70 -4.24 1.39 3.12
CA VAL A 70 -3.59 0.24 2.52
C VAL A 70 -4.51 -0.45 1.50
N LYS A 71 -5.77 -0.63 1.88
N LYS A 71 -5.78 -0.58 1.85
CA LYS A 71 -6.75 -1.21 0.97
CA LYS A 71 -6.75 -1.17 0.95
C LYS A 71 -6.92 -0.39 -0.32
C LYS A 71 -6.87 -0.37 -0.33
N ILE A 72 -7.03 0.93 -0.19
CA ILE A 72 -7.11 1.82 -1.35
C ILE A 72 -5.88 1.65 -2.25
N LEU A 73 -4.70 1.70 -1.65
CA LEU A 73 -3.47 1.56 -2.42
C LEU A 73 -3.39 0.21 -3.13
N ALA A 74 -3.80 -0.86 -2.44
CA ALA A 74 -3.83 -2.17 -3.05
C ALA A 74 -4.73 -2.17 -4.29
N GLU A 75 -5.92 -1.58 -4.15
CA GLU A 75 -6.86 -1.50 -5.27
C GLU A 75 -6.30 -0.72 -6.45
N LEU A 76 -5.69 0.42 -6.15
CA LEU A 76 -5.07 1.22 -7.20
C LEU A 76 -3.97 0.42 -7.89
N ALA A 77 -3.15 -0.29 -7.12
CA ALA A 77 -2.09 -1.09 -7.75
C ALA A 77 -2.64 -2.23 -8.61
N LYS A 78 -3.63 -2.95 -8.11
CA LYS A 78 -4.18 -4.07 -8.84
C LYS A 78 -4.87 -3.62 -10.12
N GLN A 79 -5.41 -2.40 -10.11
CA GLN A 79 -6.13 -1.89 -11.28
C GLN A 79 -5.24 -1.13 -12.27
N SER A 80 -3.97 -0.93 -11.93
CA SER A 80 -3.05 -0.16 -12.76
C SER A 80 -2.31 -1.04 -13.74
N THR A 81 -2.04 -0.49 -14.92
CA THR A 81 -1.12 -1.07 -15.87
C THR A 81 0.19 -0.26 -15.97
N ASP A 82 0.40 0.64 -15.02
CA ASP A 82 1.57 1.53 -15.01
C ASP A 82 2.59 1.00 -14.01
N SER A 83 3.69 0.46 -14.52
CA SER A 83 4.68 -0.18 -13.65
C SER A 83 5.28 0.81 -12.66
N GLU A 84 5.38 2.08 -13.04
CA GLU A 84 5.95 3.08 -12.13
C GLU A 84 5.08 3.23 -10.89
N LEU A 85 3.78 3.27 -11.11
CA LEU A 85 2.83 3.40 -10.02
C LEU A 85 2.82 2.14 -9.13
N VAL A 86 2.80 0.98 -9.78
CA VAL A 86 2.75 -0.27 -9.02
C VAL A 86 4.02 -0.40 -8.18
N ASN A 87 5.17 -0.08 -8.77
CA ASN A 87 6.43 -0.14 -8.01
C ASN A 87 6.37 0.79 -6.80
N GLU A 88 5.87 2.00 -7.02
CA GLU A 88 5.78 2.94 -5.92
C GLU A 88 4.86 2.46 -4.79
N ILE A 89 3.71 1.92 -5.16
CA ILE A 89 2.80 1.41 -4.16
C ILE A 89 3.42 0.27 -3.38
N VAL A 90 4.10 -0.65 -4.08
CA VAL A 90 4.79 -1.74 -3.38
C VAL A 90 5.81 -1.20 -2.39
N LYS A 91 6.59 -0.21 -2.79
N LYS A 91 6.59 -0.22 -2.81
CA LYS A 91 7.53 0.44 -1.90
CA LYS A 91 7.54 0.44 -1.91
C LYS A 91 6.86 0.97 -0.63
C LYS A 91 6.84 0.93 -0.64
N GLN A 92 5.77 1.71 -0.81
CA GLN A 92 5.07 2.28 0.32
C GLN A 92 4.46 1.21 1.23
N LEU A 93 3.84 0.20 0.63
CA LEU A 93 3.24 -0.88 1.42
C LEU A 93 4.30 -1.63 2.21
N ALA A 94 5.43 -1.91 1.58
CA ALA A 94 6.50 -2.62 2.27
C ALA A 94 7.03 -1.80 3.44
N GLU A 95 7.18 -0.49 3.24
N GLU A 95 7.18 -0.49 3.25
CA GLU A 95 7.62 0.41 4.32
CA GLU A 95 7.61 0.38 4.35
C GLU A 95 6.63 0.46 5.50
C GLU A 95 6.61 0.28 5.50
N VAL A 96 5.33 0.48 5.20
CA VAL A 96 4.30 0.38 6.25
C VAL A 96 4.39 -0.97 6.99
N ALA A 97 4.52 -2.07 6.23
CA ALA A 97 4.58 -3.39 6.85
C ALA A 97 5.77 -3.58 7.76
N LYS A 98 6.94 -3.13 7.32
N LYS A 98 6.93 -3.09 7.32
CA LYS A 98 8.15 -3.40 8.07
CA LYS A 98 8.13 -3.30 8.09
C LYS A 98 8.18 -2.78 9.46
C LYS A 98 8.20 -2.41 9.36
N GLU A 99 7.51 -1.65 9.64
N GLU A 99 7.40 -1.35 9.44
CA GLU A 99 7.57 -0.94 10.92
CA GLU A 99 7.36 -0.54 10.68
C GLU A 99 6.27 -1.02 11.73
C GLU A 99 6.31 -1.03 11.68
N ALA A 100 5.23 -1.58 11.15
CA ALA A 100 3.98 -1.74 11.86
C ALA A 100 4.08 -2.67 13.05
N THR A 101 3.39 -2.32 14.12
CA THR A 101 3.32 -3.15 15.32
C THR A 101 1.95 -3.79 15.47
N ASP A 102 1.09 -3.64 14.46
N ASP A 102 1.16 -3.71 14.41
CA ASP A 102 -0.23 -4.24 14.41
CA ASP A 102 -0.15 -4.27 14.36
C ASP A 102 -0.17 -5.49 13.50
C ASP A 102 -0.09 -5.51 13.48
N LYS A 103 -0.22 -6.68 14.08
CA LYS A 103 0.02 -7.91 13.29
C LYS A 103 -1.03 -8.11 12.17
N GLU A 104 -2.27 -7.70 12.40
CA GLU A 104 -3.32 -7.83 11.40
C GLU A 104 -2.97 -7.03 10.14
N LEU A 105 -2.41 -5.85 10.35
CA LEU A 105 -2.01 -4.99 9.24
C LEU A 105 -0.87 -5.64 8.43
N VAL A 106 0.12 -6.18 9.14
CA VAL A 106 1.25 -6.81 8.47
C VAL A 106 0.78 -7.99 7.63
N ILE A 107 -0.07 -8.82 8.22
N ILE A 107 -0.06 -8.85 8.18
CA ILE A 107 -0.67 -9.96 7.51
CA ILE A 107 -0.48 -9.99 7.35
C ILE A 107 -1.34 -9.50 6.22
C ILE A 107 -1.37 -9.54 6.18
N TYR A 108 -2.17 -8.49 6.37
CA TYR A 108 -2.94 -7.96 5.24
C TYR A 108 -2.01 -7.48 4.11
N ILE A 109 -0.98 -6.72 4.47
CA ILE A 109 -0.04 -6.25 3.47
C ILE A 109 0.72 -7.40 2.80
N VAL A 110 1.15 -8.37 3.60
N VAL A 110 1.20 -8.39 3.54
CA VAL A 110 1.81 -9.55 3.04
CA VAL A 110 1.90 -9.48 2.84
C VAL A 110 0.93 -10.18 1.98
C VAL A 110 0.93 -10.28 1.93
N LYS A 111 -0.34 -10.38 2.30
CA LYS A 111 -1.29 -10.96 1.35
C LYS A 111 -1.44 -10.13 0.08
N ILE A 112 -1.55 -8.82 0.24
CA ILE A 112 -1.64 -7.93 -0.92
C ILE A 112 -0.42 -8.06 -1.82
N LEU A 113 0.75 -8.04 -1.20
CA LEU A 113 1.98 -8.17 -1.95
C LEU A 113 2.08 -9.52 -2.66
N ALA A 114 1.68 -10.59 -1.97
CA ALA A 114 1.64 -11.91 -2.59
C ALA A 114 0.75 -11.90 -3.83
N GLU A 115 -0.44 -11.31 -3.67
CA GLU A 115 -1.40 -11.22 -4.78
C GLU A 115 -0.85 -10.43 -5.96
N LEU A 116 -0.23 -9.29 -5.68
CA LEU A 116 0.38 -8.52 -6.75
C LEU A 116 1.45 -9.35 -7.47
N ALA A 117 2.26 -10.06 -6.71
CA ALA A 117 3.33 -10.85 -7.34
C ALA A 117 2.76 -12.00 -8.16
N LYS A 118 1.74 -12.67 -7.63
CA LYS A 118 1.14 -13.80 -8.34
C LYS A 118 0.46 -13.41 -9.63
N GLN A 119 0.01 -12.15 -9.67
N GLN A 119 -0.04 -12.17 -9.74
CA GLN A 119 -0.75 -11.59 -10.79
CA GLN A 119 -0.71 -11.77 -10.96
C GLN A 119 0.16 -10.84 -11.78
C GLN A 119 0.24 -11.13 -11.96
N SER A 120 1.47 -10.85 -11.53
CA SER A 120 2.44 -10.16 -12.38
C SER A 120 3.21 -11.11 -13.27
N THR A 121 3.53 -10.65 -14.47
CA THR A 121 4.46 -11.33 -15.35
C THR A 121 5.77 -10.56 -15.51
N ASP A 122 5.99 -9.58 -14.63
N ASP A 122 6.00 -9.61 -14.59
CA ASP A 122 7.21 -8.81 -14.69
CA ASP A 122 7.16 -8.71 -14.62
C ASP A 122 8.16 -9.25 -13.60
C ASP A 122 8.20 -9.16 -13.59
N SER A 123 9.30 -9.77 -14.03
CA SER A 123 10.25 -10.36 -13.10
C SER A 123 10.84 -9.33 -12.17
N GLU A 124 10.96 -8.08 -12.63
CA GLU A 124 11.49 -7.04 -11.77
C GLU A 124 10.58 -6.84 -10.56
N LEU A 125 9.28 -6.78 -10.82
CA LEU A 125 8.30 -6.57 -9.74
C LEU A 125 8.27 -7.78 -8.81
N VAL A 126 8.20 -8.98 -9.41
CA VAL A 126 8.11 -10.19 -8.61
C VAL A 126 9.35 -10.31 -7.73
N ASN A 127 10.53 -10.08 -8.30
CA ASN A 127 11.76 -10.16 -7.52
C ASN A 127 11.77 -9.14 -6.39
N GLU A 128 11.30 -7.93 -6.66
CA GLU A 128 11.26 -6.92 -5.60
C GLU A 128 10.31 -7.32 -4.47
N ILE A 129 9.13 -7.81 -4.82
CA ILE A 129 8.19 -8.28 -3.80
C ILE A 129 8.79 -9.42 -2.99
N VAL A 130 9.44 -10.36 -3.67
CA VAL A 130 10.11 -11.45 -2.95
C VAL A 130 11.14 -10.91 -1.97
N LYS A 131 11.95 -9.95 -2.42
CA LYS A 131 12.92 -9.30 -1.52
C LYS A 131 12.24 -8.71 -0.27
N GLN A 132 11.17 -7.98 -0.49
CA GLN A 132 10.47 -7.35 0.62
C GLN A 132 9.87 -8.38 1.57
N LEU A 133 9.26 -9.42 1.01
CA LEU A 133 8.68 -10.47 1.83
C LEU A 133 9.75 -11.20 2.64
N GLU A 134 10.89 -11.45 2.01
CA GLU A 134 11.99 -12.09 2.73
C GLU A 134 12.45 -11.21 3.90
N GLU A 135 12.51 -9.91 3.67
N GLU A 135 12.53 -9.90 3.67
CA GLU A 135 12.92 -8.98 4.73
CA GLU A 135 12.90 -8.99 4.76
C GLU A 135 11.89 -8.96 5.89
C GLU A 135 11.89 -9.06 5.90
N VAL A 136 10.60 -8.94 5.57
CA VAL A 136 9.57 -9.03 6.61
C VAL A 136 9.73 -10.33 7.40
N ALA A 137 9.92 -11.44 6.70
CA ALA A 137 10.09 -12.72 7.39
C ALA A 137 11.33 -12.75 8.29
N LYS A 138 12.45 -12.23 7.80
CA LYS A 138 13.69 -12.20 8.57
C LYS A 138 13.51 -11.42 9.85
N GLU A 139 12.82 -10.29 9.76
CA GLU A 139 12.61 -9.44 10.94
C GLU A 139 11.50 -9.88 11.92
N ALA A 140 10.64 -10.81 11.50
CA ALA A 140 9.45 -11.13 12.26
C ALA A 140 9.73 -12.01 13.47
N THR A 141 8.92 -11.84 14.51
CA THR A 141 9.01 -12.68 15.70
C THR A 141 7.72 -13.46 15.88
N ASP A 142 7.12 -13.81 14.76
CA ASP A 142 5.81 -14.43 14.74
C ASP A 142 5.92 -15.64 13.83
N LYS A 143 5.97 -16.84 14.42
CA LYS A 143 6.22 -18.06 13.65
C LYS A 143 5.21 -18.28 12.53
N GLU A 144 3.94 -18.02 12.82
CA GLU A 144 2.86 -18.20 11.86
C GLU A 144 3.07 -17.31 10.63
N LEU A 145 3.43 -16.06 10.89
CA LEU A 145 3.68 -15.11 9.82
C LEU A 145 4.82 -15.60 8.94
N VAL A 146 5.90 -16.02 9.59
CA VAL A 146 7.04 -16.53 8.85
C VAL A 146 6.64 -17.74 8.01
N GLU A 147 5.90 -18.67 8.61
CA GLU A 147 5.40 -19.83 7.85
C GLU A 147 4.54 -19.43 6.63
N HIS A 148 3.66 -18.44 6.82
N HIS A 148 3.66 -18.45 6.83
CA HIS A 148 2.83 -17.98 5.71
CA HIS A 148 2.84 -17.95 5.73
C HIS A 148 3.68 -17.37 4.60
C HIS A 148 3.70 -17.35 4.61
N ILE A 149 4.66 -16.54 4.98
N ILE A 149 4.65 -16.50 4.97
CA ILE A 149 5.54 -15.96 3.98
CA ILE A 149 5.55 -15.94 3.97
C ILE A 149 6.33 -17.03 3.24
C ILE A 149 6.32 -17.04 3.25
N GLU A 150 6.85 -18.01 4.00
CA GLU A 150 7.57 -19.12 3.38
C GLU A 150 6.70 -19.88 2.37
N LYS A 151 5.44 -20.12 2.74
CA LYS A 151 4.48 -20.73 1.80
C LYS A 151 4.30 -19.88 0.54
N ILE A 152 4.08 -18.57 0.71
CA ILE A 152 3.97 -17.67 -0.45
C ILE A 152 5.20 -17.75 -1.34
N LEU A 153 6.39 -17.70 -0.73
CA LEU A 153 7.62 -17.75 -1.49
C LEU A 153 7.74 -19.07 -2.26
N GLU A 154 7.36 -20.18 -1.64
CA GLU A 154 7.37 -21.45 -2.35
C GLU A 154 6.38 -21.43 -3.53
N GLU A 155 5.19 -20.90 -3.29
CA GLU A 155 4.18 -20.78 -4.35
C GLU A 155 4.70 -19.91 -5.52
N LEU A 156 5.36 -18.80 -5.19
CA LEU A 156 5.94 -17.95 -6.23
C LEU A 156 7.03 -18.68 -6.98
N LYS A 157 7.90 -19.39 -6.26
CA LYS A 157 8.90 -20.22 -6.92
C LYS A 157 8.27 -21.20 -7.89
N LYS A 158 7.25 -21.93 -7.44
CA LYS A 158 6.58 -22.90 -8.28
C LYS A 158 5.87 -22.29 -9.49
N GLN A 159 5.22 -21.14 -9.29
N GLN A 159 5.21 -21.16 -9.27
CA GLN A 159 4.49 -20.48 -10.36
CA GLN A 159 4.50 -20.45 -10.33
C GLN A 159 5.39 -19.94 -11.48
C GLN A 159 5.44 -20.07 -11.47
N SER A 160 6.58 -19.46 -11.12
CA SER A 160 7.54 -18.98 -12.11
C SER A 160 8.92 -18.83 -11.50
C1 EDO B . 4.13 3.21 15.10
O1 EDO B . 3.07 3.45 14.17
C2 EDO B . 4.45 1.74 15.21
O2 EDO B . 3.26 1.03 15.55
H11 EDO B . 3.86 3.60 16.08
H12 EDO B . 5.03 3.75 14.76
HO1 EDO B . 2.90 4.40 14.12
H21 EDO B . 5.21 1.57 15.98
H22 EDO B . 4.85 1.36 14.27
HO2 EDO B . 3.46 0.09 15.62
C1 EDO C . 9.12 -3.08 -13.80
O1 EDO C . 9.56 -1.79 -13.38
C2 EDO C . 8.50 -3.81 -12.62
O2 EDO C . 7.26 -3.19 -12.27
H11 EDO C . 9.98 -3.65 -14.18
H12 EDO C . 8.39 -2.98 -14.60
HO1 EDO C . 9.96 -1.33 -14.13
H21 EDO C . 9.19 -3.80 -11.78
H22 EDO C . 8.34 -4.86 -12.89
HO2 EDO C . 6.87 -3.67 -11.52
#